data_1RQI
#
_entry.id   1RQI
#
_cell.length_a   88.839
_cell.length_b   88.839
_cell.length_c   174.769
_cell.angle_alpha   90.00
_cell.angle_beta   90.00
_cell.angle_gamma   90.00
#
_symmetry.space_group_name_H-M   'P 41 2 2'
#
loop_
_entity.id
_entity.type
_entity.pdbx_description
1 polymer Geranyltranstransferase
2 non-polymer 'MAGNESIUM ION'
3 non-polymer 'DIMETHYLALLYL S-THIOLODIPHOSPHATE'
4 non-polymer 'ISOPENTYL PYROPHOSPHATE'
5 non-polymer DIPHOSPHATE
6 water water
#
_entity_poly.entity_id   1
_entity_poly.type   'polypeptide(L)'
_entity_poly.pdbx_seq_one_letter_code
;AMDFPQQLEACVKQANQALSRFIAPLPFQNTPVVETMQYGALLGGKRLRPFLVYATGHMFGVSTNTLDAPAAAVECIHAY
SLIHDDLPAMDDDDLRRGLPTCHVKFGEANAILAGDALQTLAFSILSDADMPEVSDRDRISMISELASASGIAGMCGGQA
LDLDAEGKHVPLDALERIHRHKTGALIRAAVRLGALSAGDKGRRALPVLDKYAESIGLAFQVQDDILDVVGDTATLGKRQ
GADQQLGKSTYPALLGLEQARKKARDLIDDARQSLKQLAEQSLDTSALEALADYIIQRNK
;
_entity_poly.pdbx_strand_id   A,B
#
# COMPACT_ATOMS: atom_id res chain seq x y z
N ALA A 1 27.92 -14.16 -24.93
CA ALA A 1 28.50 -15.18 -24.01
C ALA A 1 27.53 -15.67 -22.92
N MET A 2 26.04 -15.55 -23.59
CA MET A 2 26.09 -15.17 -22.17
C MET A 2 25.23 -16.10 -21.22
N ASP A 3 24.37 -16.94 -21.79
CA ASP A 3 23.68 -17.99 -21.01
C ASP A 3 22.55 -17.41 -20.15
N PHE A 4 21.38 -17.24 -20.75
CA PHE A 4 20.29 -16.63 -20.05
C PHE A 4 19.70 -17.44 -18.91
N PRO A 5 19.44 -18.73 -19.10
CA PRO A 5 18.84 -19.55 -18.03
C PRO A 5 19.53 -19.49 -16.66
N GLN A 6 20.86 -19.41 -16.60
CA GLN A 6 21.56 -19.30 -15.31
C GLN A 6 21.52 -17.89 -14.71
N GLN A 7 21.46 -16.86 -15.56
CA GLN A 7 21.28 -15.50 -15.06
C GLN A 7 19.92 -15.40 -14.38
N LEU A 8 18.89 -15.94 -15.02
CA LEU A 8 17.54 -15.99 -14.43
C LEU A 8 17.54 -16.65 -13.06
N GLU A 9 18.21 -17.78 -12.91
CA GLU A 9 18.20 -18.47 -11.61
C GLU A 9 19.01 -17.74 -10.55
N ALA A 10 20.14 -17.14 -10.95
CA ALA A 10 20.95 -16.35 -10.05
C ALA A 10 20.17 -15.14 -9.57
N CYS A 11 19.33 -14.58 -10.44
CA CYS A 11 18.49 -13.46 -10.08
C CYS A 11 17.38 -13.85 -9.08
N VAL A 12 16.78 -15.02 -9.26
CA VAL A 12 15.81 -15.57 -8.31
C VAL A 12 16.43 -15.76 -6.91
N LYS A 13 17.60 -16.38 -6.87
CA LYS A 13 18.36 -16.58 -5.64
C LYS A 13 18.73 -15.26 -4.93
N GLN A 14 19.06 -14.26 -5.73
CA GLN A 14 19.47 -12.96 -5.19
C GLN A 14 18.25 -12.19 -4.68
N ALA A 15 17.15 -12.25 -5.41
CA ALA A 15 15.93 -11.54 -5.03
C ALA A 15 15.27 -12.17 -3.81
N ASN A 16 15.21 -13.49 -3.77
CA ASN A 16 14.72 -14.21 -2.61
C ASN A 16 15.53 -13.90 -1.35
N GLN A 17 16.84 -13.87 -1.50
CA GLN A 17 17.74 -13.46 -0.43
C GLN A 17 17.43 -12.03 0.04
N ALA A 18 17.13 -11.14 -0.89
CA ALA A 18 16.84 -9.75 -0.58
C ALA A 18 15.49 -9.61 0.14
N LEU A 19 14.44 -10.15 -0.46
CA LEU A 19 13.15 -10.24 0.17
C LEU A 19 13.26 -10.80 1.59
N SER A 20 13.95 -11.91 1.73
CA SER A 20 14.08 -12.57 3.04
C SER A 20 14.68 -11.64 4.10
N ARG A 21 15.46 -10.81 4.08
CA ARG A 21 16.48 -10.04 4.80
C ARG A 21 15.84 -8.83 5.44
N PHE A 22 14.53 -8.45 4.27
CA PHE A 22 13.59 -7.37 4.59
C PHE A 22 12.35 -7.85 5.34
N ILE A 23 12.07 -9.16 5.28
CA ILE A 23 10.97 -9.76 6.01
C ILE A 23 11.39 -10.24 7.40
N ALA A 24 12.65 -10.62 7.56
CA ALA A 24 13.11 -11.21 8.82
C ALA A 24 12.96 -10.30 10.04
N PRO A 25 13.30 -9.01 9.93
CA PRO A 25 13.17 -8.08 11.07
C PRO A 25 11.72 -7.78 11.47
N LEU A 26 10.76 -8.12 10.63
CA LEU A 26 9.34 -7.88 10.90
C LEU A 26 8.87 -8.68 12.07
N PRO A 27 7.94 -8.12 12.86
CA PRO A 27 7.33 -8.86 13.97
C PRO A 27 6.29 -9.88 13.51
N PHE A 28 5.82 -10.73 14.43
CA PHE A 28 4.76 -11.70 14.17
C PHE A 28 5.19 -12.82 13.20
N GLN A 29 6.46 -13.22 13.30
CA GLN A 29 6.98 -14.32 12.49
C GLN A 29 6.29 -15.60 12.90
N ASN A 30 6.09 -16.52 11.95
CA ASN A 30 5.32 -17.73 12.21
C ASN A 30 3.92 -17.44 12.77
N THR A 31 3.26 -16.42 12.22
CA THR A 31 1.81 -16.23 12.41
C THR A 31 1.16 -16.23 11.02
N PRO A 32 -0.12 -16.59 10.90
CA PRO A 32 -0.76 -16.69 9.58
C PRO A 32 -0.44 -15.57 8.58
N VAL A 33 -0.44 -14.31 8.99
CA VAL A 33 -0.29 -13.22 8.02
C VAL A 33 1.12 -13.07 7.44
N VAL A 34 2.14 -13.27 8.26
CA VAL A 34 3.53 -13.22 7.79
C VAL A 34 3.86 -14.51 7.04
N GLU A 35 3.29 -15.63 7.47
CA GLU A 35 3.40 -16.85 6.67
C GLU A 35 2.79 -16.64 5.27
N THR A 36 1.72 -15.86 5.20
CA THR A 36 1.02 -15.60 3.95
C THR A 36 1.84 -14.68 3.04
N MET A 37 2.54 -13.71 3.62
CA MET A 37 3.38 -12.81 2.83
C MET A 37 4.59 -13.58 2.29
N GLN A 38 5.21 -14.36 3.15
CA GLN A 38 6.36 -15.20 2.77
C GLN A 38 6.02 -16.22 1.70
N TYR A 39 4.83 -16.80 1.81
CA TYR A 39 4.36 -17.79 0.84
C TYR A 39 4.12 -17.10 -0.51
N GLY A 40 3.31 -16.04 -0.49
CA GLY A 40 3.01 -15.25 -1.66
C GLY A 40 4.18 -14.53 -2.30
N ALA A 41 5.20 -14.15 -1.52
CA ALA A 41 6.33 -13.38 -2.05
C ALA A 41 7.47 -14.26 -2.55
N LEU A 42 7.73 -15.37 -1.84
CA LEU A 42 8.98 -16.14 -1.99
C LEU A 42 8.82 -17.49 -2.69
N LEU A 43 7.69 -18.15 -2.50
CA LEU A 43 7.52 -19.51 -3.01
C LEU A 43 7.17 -19.49 -4.50
N GLY A 44 8.18 -19.65 -5.34
CA GLY A 44 8.00 -19.59 -6.79
C GLY A 44 7.97 -18.17 -7.35
N GLY A 45 7.74 -18.04 -8.66
CA GLY A 45 7.81 -16.78 -9.36
C GLY A 45 9.14 -16.62 -10.10
N LYS A 46 9.12 -15.90 -11.22
CA LYS A 46 10.30 -15.80 -12.09
C LYS A 46 11.24 -14.66 -11.68
N ARG A 47 10.75 -13.74 -10.87
CA ARG A 47 11.49 -12.57 -10.43
C ARG A 47 12.05 -11.78 -11.61
N LEU A 48 11.22 -11.57 -12.62
CA LEU A 48 11.62 -10.82 -13.79
C LEU A 48 11.69 -9.32 -13.48
N ARG A 49 10.83 -8.83 -12.62
CA ARG A 49 10.87 -7.40 -12.26
C ARG A 49 12.14 -7.05 -11.49
N PRO A 50 12.51 -7.82 -10.48
CA PRO A 50 13.83 -7.71 -9.87
C PRO A 50 14.96 -7.85 -10.87
N PHE A 51 14.83 -8.77 -11.84
CA PHE A 51 15.81 -8.91 -12.91
C PHE A 51 15.98 -7.58 -13.62
N LEU A 52 14.86 -6.97 -13.97
CA LEU A 52 14.88 -5.66 -14.61
C LEU A 52 15.62 -4.62 -13.77
N VAL A 53 15.36 -4.62 -12.48
CA VAL A 53 15.97 -3.66 -11.57
C VAL A 53 17.47 -3.87 -11.58
N TYR A 54 17.88 -5.12 -11.31
CA TYR A 54 19.29 -5.47 -11.23
C TYR A 54 20.02 -5.17 -12.53
N ALA A 55 19.42 -5.57 -13.64
CA ALA A 55 20.06 -5.47 -14.94
C ALA A 55 20.26 -4.00 -15.30
N THR A 56 19.27 -3.18 -14.96
CA THR A 56 19.33 -1.75 -15.26
C THR A 56 20.36 -1.04 -14.41
N GLY A 57 20.38 -1.33 -13.12
CA GLY A 57 21.31 -0.69 -12.20
C GLY A 57 22.73 -1.09 -12.51
N HIS A 58 22.89 -2.35 -12.90
CA HIS A 58 24.19 -2.91 -13.27
C HIS A 58 24.81 -2.22 -14.47
N MET A 59 23.98 -1.79 -15.41
CA MET A 59 24.48 -1.04 -16.56
C MET A 59 25.21 0.21 -16.10
N PHE A 60 24.75 0.83 -15.03
CA PHE A 60 25.38 2.06 -14.52
C PHE A 60 26.38 1.86 -13.39
N GLY A 61 26.86 0.62 -13.20
CA GLY A 61 27.86 0.30 -12.17
C GLY A 61 27.35 0.27 -10.74
N VAL A 62 26.04 0.29 -10.58
CA VAL A 62 25.42 0.26 -9.28
C VAL A 62 25.57 -1.12 -8.67
N SER A 63 25.89 -1.12 -7.39
CA SER A 63 26.13 -2.34 -6.63
C SER A 63 24.86 -3.19 -6.48
N THR A 64 25.00 -4.50 -6.70
CA THR A 64 23.90 -5.44 -6.49
C THR A 64 23.24 -5.32 -5.10
N ASN A 65 24.05 -5.09 -4.07
CA ASN A 65 23.56 -4.99 -2.70
C ASN A 65 22.65 -3.78 -2.53
N THR A 66 22.99 -2.68 -3.18
CA THR A 66 22.14 -1.50 -3.18
C THR A 66 20.83 -1.79 -3.87
N LEU A 67 20.91 -2.57 -4.95
CA LEU A 67 19.76 -2.81 -5.81
C LEU A 67 18.77 -3.80 -5.20
N ASP A 68 19.25 -4.59 -4.23
CA ASP A 68 18.39 -5.50 -3.51
C ASP A 68 17.18 -4.76 -2.93
N ALA A 69 17.37 -3.48 -2.56
CA ALA A 69 16.28 -2.69 -2.00
C ALA A 69 15.16 -2.44 -3.01
N PRO A 70 15.39 -1.67 -4.07
CA PRO A 70 14.34 -1.46 -5.08
C PRO A 70 13.80 -2.76 -5.65
N ALA A 71 14.67 -3.73 -5.88
CA ALA A 71 14.28 -5.01 -6.45
C ALA A 71 13.31 -5.75 -5.54
N ALA A 72 13.57 -5.78 -4.25
CA ALA A 72 12.67 -6.44 -3.30
C ALA A 72 11.37 -5.65 -3.22
N ALA A 73 11.50 -4.35 -3.45
CA ALA A 73 10.37 -3.44 -3.35
C ALA A 73 9.41 -3.63 -4.50
N VAL A 74 9.94 -3.72 -5.72
CA VAL A 74 9.05 -3.94 -6.86
C VAL A 74 8.44 -5.33 -6.75
N GLU A 75 9.19 -6.30 -6.20
CA GLU A 75 8.66 -7.65 -6.05
C GLU A 75 7.65 -7.73 -4.93
N CYS A 76 7.81 -6.90 -3.90
CA CYS A 76 6.77 -6.77 -2.88
C CYS A 76 5.45 -6.27 -3.48
N ILE A 77 5.52 -5.21 -4.26
CA ILE A 77 4.33 -4.72 -4.96
C ILE A 77 3.73 -5.79 -5.88
N HIS A 78 4.57 -6.43 -6.70
CA HIS A 78 4.10 -7.46 -7.62
C HIS A 78 3.36 -8.58 -6.90
N ALA A 79 3.97 -9.04 -5.79
CA ALA A 79 3.43 -10.15 -5.03
C ALA A 79 2.10 -9.80 -4.41
N TYR A 80 1.99 -8.60 -3.86
CA TYR A 80 0.74 -8.15 -3.28
C TYR A 80 -0.32 -8.15 -4.37
N SER A 81 0.03 -7.65 -5.55
CA SER A 81 -0.92 -7.53 -6.65
C SER A 81 -1.53 -8.88 -7.07
N LEU A 82 -0.73 -9.95 -6.98
CA LEU A 82 -1.14 -11.29 -7.36
C LEU A 82 -2.08 -11.88 -6.32
N ILE A 83 -1.73 -11.67 -5.05
CA ILE A 83 -2.56 -12.14 -3.94
C ILE A 83 -3.96 -11.57 -4.06
N HIS A 84 -4.07 -10.27 -4.33
CA HIS A 84 -5.38 -9.63 -4.46
C HIS A 84 -6.07 -10.01 -5.77
N ASP A 85 -5.28 -10.32 -6.79
CA ASP A 85 -5.79 -10.65 -8.10
C ASP A 85 -6.52 -12.01 -8.09
N ASP A 86 -5.99 -12.95 -7.32
CA ASP A 86 -6.53 -14.30 -7.21
C ASP A 86 -7.76 -14.39 -6.31
N LEU A 87 -8.15 -13.29 -5.69
CA LEU A 87 -9.24 -13.29 -4.71
C LEU A 87 -10.58 -13.58 -5.38
N PRO A 88 -11.48 -14.28 -4.70
CA PRO A 88 -12.80 -14.62 -5.26
C PRO A 88 -13.59 -13.46 -5.86
N ALA A 89 -13.42 -12.26 -5.33
CA ALA A 89 -14.08 -11.06 -5.88
C ALA A 89 -13.42 -10.61 -7.18
N MET A 90 -12.16 -10.99 -7.33
CA MET A 90 -11.36 -10.63 -8.49
C MET A 90 -11.34 -11.77 -9.52
N ASP A 91 -10.23 -12.51 -9.63
CA ASP A 91 -10.11 -13.53 -10.68
C ASP A 91 -10.51 -14.91 -10.20
N ASP A 92 -10.67 -15.06 -8.89
CA ASP A 92 -11.13 -16.32 -8.28
C ASP A 92 -10.33 -17.53 -8.75
N ASP A 93 -9.00 -17.43 -8.65
CA ASP A 93 -8.11 -18.52 -9.00
C ASP A 93 -7.67 -19.27 -7.75
N ASP A 94 -7.54 -20.57 -7.88
CA ASP A 94 -7.13 -21.45 -6.79
C ASP A 94 -5.69 -21.94 -6.93
N LEU A 95 -5.04 -21.52 -8.01
CA LEU A 95 -3.75 -22.10 -8.39
C LEU A 95 -2.81 -21.00 -8.89
N ARG A 96 -1.63 -20.91 -8.27
CA ARG A 96 -0.59 -20.02 -8.75
C ARG A 96 0.78 -20.54 -8.35
N ARG A 97 1.71 -20.50 -9.30
CA ARG A 97 3.10 -20.94 -9.13
C ARG A 97 3.22 -22.42 -8.80
N GLY A 98 2.22 -23.20 -9.19
CA GLY A 98 2.19 -24.65 -9.00
C GLY A 98 1.48 -25.07 -7.73
N LEU A 99 1.02 -24.10 -6.97
CA LEU A 99 0.53 -24.29 -5.62
C LEU A 99 -0.83 -23.61 -5.43
N PRO A 100 -1.56 -24.01 -4.40
CA PRO A 100 -2.76 -23.26 -3.95
C PRO A 100 -2.47 -21.76 -3.79
N THR A 101 -3.41 -20.91 -4.18
CA THR A 101 -3.26 -19.46 -3.99
C THR A 101 -3.35 -19.10 -2.51
N CYS A 102 -2.89 -17.91 -2.16
CA CYS A 102 -2.82 -17.50 -0.76
C CYS A 102 -4.16 -17.56 -0.05
N HIS A 103 -5.23 -17.22 -0.75
CA HIS A 103 -6.56 -17.19 -0.11
C HIS A 103 -7.12 -18.57 0.16
N VAL A 104 -6.87 -19.50 -0.77
CA VAL A 104 -7.24 -20.91 -0.56
C VAL A 104 -6.43 -21.50 0.60
N LYS A 105 -5.13 -21.25 0.61
CA LYS A 105 -4.27 -21.81 1.65
C LYS A 105 -4.44 -21.18 3.03
N PHE A 106 -4.64 -19.87 3.09
CA PHE A 106 -4.61 -19.14 4.36
C PHE A 106 -5.93 -18.50 4.77
N GLY A 107 -6.87 -18.45 3.84
CA GLY A 107 -8.12 -17.74 4.01
C GLY A 107 -8.09 -16.42 3.27
N GLU A 108 -9.26 -15.88 2.95
CA GLU A 108 -9.38 -14.62 2.23
C GLU A 108 -8.86 -13.45 3.05
N ALA A 109 -9.28 -13.38 4.31
CA ALA A 109 -8.86 -12.34 5.24
C ALA A 109 -7.34 -12.22 5.32
N ASN A 110 -6.67 -13.32 5.65
CA ASN A 110 -5.22 -13.36 5.68
C ASN A 110 -4.58 -12.96 4.36
N ALA A 111 -5.21 -13.31 3.26
CA ALA A 111 -4.70 -12.95 1.93
C ALA A 111 -4.82 -11.44 1.68
N ILE A 112 -5.92 -10.83 2.12
CA ILE A 112 -6.11 -9.39 1.96
C ILE A 112 -5.10 -8.61 2.80
N LEU A 113 -4.84 -9.06 4.03
CA LEU A 113 -3.91 -8.35 4.91
C LEU A 113 -2.46 -8.59 4.48
N ALA A 114 -2.14 -9.80 4.04
CA ALA A 114 -0.81 -10.11 3.52
C ALA A 114 -0.49 -9.20 2.34
N GLY A 115 -1.46 -9.02 1.47
CA GLY A 115 -1.31 -8.17 0.30
C GLY A 115 -1.07 -6.76 0.76
N ASP A 116 -1.96 -6.27 1.61
CA ASP A 116 -1.87 -4.94 2.21
C ASP A 116 -0.49 -4.72 2.83
N ALA A 117 -0.01 -5.71 3.58
CA ALA A 117 1.27 -5.62 4.26
C ALA A 117 2.45 -5.60 3.28
N LEU A 118 2.34 -6.36 2.20
CA LEU A 118 3.41 -6.42 1.22
C LEU A 118 3.55 -5.09 0.51
N GLN A 119 2.44 -4.43 0.22
CA GLN A 119 2.49 -3.12 -0.40
C GLN A 119 3.22 -2.15 0.54
N THR A 120 2.85 -2.19 1.81
CA THR A 120 3.44 -1.26 2.77
C THR A 120 4.91 -1.51 2.94
N LEU A 121 5.26 -2.78 2.93
CA LEU A 121 6.61 -3.25 3.12
C LEU A 121 7.48 -2.69 2.01
N ALA A 122 6.90 -2.58 0.80
CA ALA A 122 7.58 -2.03 -0.36
C ALA A 122 8.11 -0.65 -0.03
N PHE A 123 7.25 0.17 0.58
CA PHE A 123 7.64 1.55 0.91
C PHE A 123 8.54 1.64 2.11
N SER A 124 8.47 0.65 3.00
CA SER A 124 9.40 0.58 4.14
C SER A 124 10.79 0.21 3.68
N ILE A 125 10.90 -0.60 2.63
CA ILE A 125 12.20 -0.95 2.08
C ILE A 125 12.83 0.29 1.45
N LEU A 126 12.10 0.96 0.55
CA LEU A 126 12.67 2.11 -0.13
C LEU A 126 13.00 3.26 0.81
N SER A 127 12.23 3.43 1.88
CA SER A 127 12.54 4.51 2.84
C SER A 127 13.64 4.14 3.83
N ASP A 128 13.75 2.86 4.20
CA ASP A 128 14.62 2.40 5.30
C ASP A 128 15.90 1.69 4.89
N ALA A 129 15.88 0.99 3.77
CA ALA A 129 16.97 0.09 3.40
C ALA A 129 18.23 0.86 3.07
N ASP A 130 19.44 0.06 3.17
CA ASP A 130 20.63 0.85 3.03
C ASP A 130 20.80 1.18 1.56
N MET A 131 21.08 2.08 0.99
CA MET A 131 21.32 2.32 -0.43
C MET A 131 22.40 3.39 -0.50
N PRO A 132 23.64 3.00 -0.18
CA PRO A 132 24.73 3.94 0.05
C PRO A 132 25.10 4.89 -1.10
N GLU A 133 24.98 4.49 -2.36
CA GLU A 133 25.33 5.43 -3.45
C GLU A 133 24.11 6.24 -3.94
N VAL A 134 22.95 6.01 -3.35
CA VAL A 134 21.70 6.63 -3.76
C VAL A 134 21.38 7.85 -2.90
N SER A 135 21.21 9.00 -3.52
CA SER A 135 20.91 10.23 -2.79
C SER A 135 19.48 10.22 -2.27
N ASP A 136 19.23 11.09 -1.31
CA ASP A 136 17.90 11.25 -0.77
C ASP A 136 16.88 11.61 -1.85
N ARG A 137 17.25 12.52 -2.73
CA ARG A 137 16.38 12.97 -3.81
C ARG A 137 16.01 11.79 -4.70
N ASP A 138 16.99 10.91 -4.94
CA ASP A 138 16.77 9.77 -5.81
C ASP A 138 15.92 8.70 -5.11
N ARG A 139 16.12 8.52 -3.81
CA ARG A 139 15.29 7.61 -3.00
C ARG A 139 13.83 8.07 -2.95
N ILE A 140 13.61 9.38 -2.82
CA ILE A 140 12.26 9.96 -2.85
C ILE A 140 11.63 9.74 -4.21
N SER A 141 12.43 9.92 -5.26
CA SER A 141 11.98 9.67 -6.63
C SER A 141 11.66 8.21 -6.86
N MET A 142 12.39 7.32 -6.19
CA MET A 142 12.12 5.89 -6.27
C MET A 142 10.75 5.60 -5.63
N ILE A 143 10.49 6.22 -4.48
CA ILE A 143 9.22 6.06 -3.75
C ILE A 143 8.05 6.65 -4.53
N SER A 144 8.18 7.90 -4.96
CA SER A 144 7.19 8.55 -5.82
C SER A 144 6.84 7.73 -7.08
N GLU A 145 7.86 7.16 -7.71
CA GLU A 145 7.69 6.37 -8.92
C GLU A 145 6.99 5.05 -8.64
N LEU A 146 7.41 4.33 -7.60
CA LEU A 146 6.79 3.05 -7.29
C LEU A 146 5.34 3.30 -6.92
N ALA A 147 5.11 4.38 -6.19
CA ALA A 147 3.77 4.82 -5.80
C ALA A 147 2.85 5.07 -6.98
N SER A 148 3.26 5.93 -7.91
CA SER A 148 2.39 6.29 -9.03
C SER A 148 2.23 5.14 -10.04
N ALA A 149 3.20 4.23 -10.06
CA ALA A 149 3.13 3.06 -10.92
C ALA A 149 2.28 1.98 -10.29
N SER A 150 2.09 2.05 -8.98
CA SER A 150 1.42 0.99 -8.25
C SER A 150 -0.05 1.25 -8.06
N GLY A 151 -0.41 2.52 -7.97
CA GLY A 151 -1.74 2.89 -7.59
C GLY A 151 -2.63 3.09 -8.82
N ILE A 152 -3.51 4.09 -8.70
CA ILE A 152 -4.59 4.30 -9.65
C ILE A 152 -4.09 4.77 -11.00
N ALA A 153 -2.92 5.42 -11.03
CA ALA A 153 -2.33 5.89 -12.27
C ALA A 153 -1.56 4.78 -12.94
N GLY A 154 -1.44 3.64 -12.27
CA GLY A 154 -0.69 2.50 -12.76
C GLY A 154 -1.45 1.22 -12.48
N MET A 155 -0.80 0.28 -11.79
CA MET A 155 -1.29 -1.09 -11.61
C MET A 155 -2.75 -1.23 -11.11
N CYS A 156 -3.13 -0.51 -10.05
CA CYS A 156 -4.52 -0.53 -9.56
C CYS A 156 -5.53 0.05 -10.54
N GLY A 157 -5.19 1.15 -11.20
CA GLY A 157 -6.06 1.70 -12.21
C GLY A 157 -6.27 0.69 -13.32
N GLY A 158 -5.20 -0.04 -13.62
CA GLY A 158 -5.19 -1.06 -14.64
C GLY A 158 -6.01 -2.26 -14.26
N GLN A 159 -6.03 -2.61 -12.98
CA GLN A 159 -6.82 -3.75 -12.53
C GLN A 159 -8.29 -3.41 -12.59
N ALA A 160 -8.62 -2.15 -12.31
CA ALA A 160 -10.00 -1.67 -12.33
C ALA A 160 -10.58 -1.62 -13.75
N LEU A 161 -9.76 -1.24 -14.73
CA LEU A 161 -10.18 -1.29 -16.13
C LEU A 161 -10.32 -2.74 -16.61
N ASP A 162 -9.37 -3.58 -16.23
CA ASP A 162 -9.45 -5.01 -16.50
C ASP A 162 -10.79 -5.57 -16.00
N LEU A 163 -11.16 -5.24 -14.76
CA LEU A 163 -12.40 -5.73 -14.17
C LEU A 163 -13.65 -5.18 -14.88
N ASP A 164 -13.59 -3.91 -15.27
CA ASP A 164 -14.68 -3.26 -15.99
C ASP A 164 -14.86 -3.87 -17.38
N ALA A 165 -13.75 -4.24 -18.01
CA ALA A 165 -13.75 -4.83 -19.35
C ALA A 165 -14.24 -6.28 -19.42
N GLU A 166 -14.55 -6.90 -18.27
CA GLU A 166 -15.08 -8.26 -18.24
C GLU A 166 -16.41 -8.36 -18.99
N GLY A 167 -16.44 -9.23 -20.00
CA GLY A 167 -17.63 -9.48 -20.79
C GLY A 167 -17.98 -8.39 -21.76
N LYS A 168 -17.08 -7.42 -21.93
CA LYS A 168 -17.35 -6.23 -22.72
C LYS A 168 -16.53 -6.17 -24.01
N HIS A 169 -15.63 -7.13 -24.19
CA HIS A 169 -14.98 -7.33 -25.48
C HIS A 169 -14.47 -6.03 -26.10
N VAL A 170 -13.73 -5.27 -25.31
CA VAL A 170 -13.28 -3.94 -25.69
C VAL A 170 -12.32 -3.99 -26.88
N PRO A 171 -12.34 -2.94 -27.71
CA PRO A 171 -11.44 -2.85 -28.87
C PRO A 171 -9.98 -2.65 -28.47
N LEU A 172 -9.10 -2.65 -29.47
CA LEU A 172 -7.66 -2.73 -29.31
C LEU A 172 -7.04 -1.59 -28.50
N ASP A 173 -7.46 -0.36 -28.77
CA ASP A 173 -6.95 0.81 -28.04
C ASP A 173 -7.27 0.78 -26.52
N ALA A 174 -8.45 0.27 -26.16
CA ALA A 174 -8.85 0.21 -24.76
C ALA A 174 -8.21 -0.99 -24.08
N LEU A 175 -7.91 -2.02 -24.87
CA LEU A 175 -7.22 -3.19 -24.39
C LEU A 175 -5.76 -2.87 -24.09
N GLU A 176 -5.16 -2.05 -24.95
CA GLU A 176 -3.76 -1.64 -24.82
C GLU A 176 -3.64 -0.81 -23.54
N ARG A 177 -4.59 0.10 -23.36
CA ARG A 177 -4.71 0.91 -22.16
C ARG A 177 -4.74 0.05 -20.90
N ILE A 178 -5.55 -1.00 -20.90
CA ILE A 178 -5.61 -1.91 -19.76
C ILE A 178 -4.24 -2.50 -19.47
N HIS A 179 -3.59 -3.00 -20.50
CA HIS A 179 -2.36 -3.76 -20.31
C HIS A 179 -1.18 -2.90 -19.92
N ARG A 180 -1.13 -1.69 -20.44
CA ARG A 180 -0.07 -0.75 -20.13
C ARG A 180 -0.12 -0.31 -18.66
N HIS A 181 -1.32 -0.25 -18.12
CA HIS A 181 -1.49 0.21 -16.76
C HIS A 181 -1.28 -0.93 -15.78
N LYS A 182 -1.99 -2.04 -15.99
CA LYS A 182 -2.01 -3.11 -15.00
C LYS A 182 -0.69 -3.83 -14.94
N THR A 183 0.04 -3.89 -16.05
CA THR A 183 1.28 -4.65 -16.15
C THR A 183 2.47 -3.81 -16.55
N GLY A 184 2.28 -2.93 -17.52
CA GLY A 184 3.32 -2.05 -17.99
C GLY A 184 3.88 -1.13 -16.94
N ALA A 185 3.03 -0.53 -16.14
CA ALA A 185 3.45 0.50 -15.20
C ALA A 185 4.51 -0.03 -14.26
N LEU A 186 4.30 -1.23 -13.75
CA LEU A 186 5.19 -1.79 -12.76
C LEU A 186 6.50 -2.23 -13.39
N ILE A 187 6.46 -2.77 -14.61
CA ILE A 187 7.71 -3.19 -15.28
C ILE A 187 8.54 -1.93 -15.58
N ARG A 188 7.86 -0.87 -16.02
CA ARG A 188 8.50 0.41 -16.24
C ARG A 188 9.10 0.94 -14.93
N ALA A 189 8.42 0.69 -13.80
CA ALA A 189 8.93 1.15 -12.52
C ALA A 189 10.18 0.37 -12.10
N ALA A 190 10.23 -0.91 -12.44
CA ALA A 190 11.40 -1.73 -12.16
C ALA A 190 12.59 -1.11 -12.89
N VAL A 191 12.38 -0.77 -14.15
CA VAL A 191 13.42 -0.13 -14.94
C VAL A 191 13.77 1.23 -14.37
N ARG A 192 12.77 2.04 -14.04
CA ARG A 192 13.05 3.36 -13.51
C ARG A 192 13.82 3.29 -12.20
N LEU A 193 13.50 2.33 -11.35
CA LEU A 193 14.14 2.18 -10.04
C LEU A 193 15.59 1.77 -10.17
N GLY A 194 15.87 0.94 -11.16
CA GLY A 194 17.25 0.61 -11.49
C GLY A 194 18.04 1.82 -11.93
N ALA A 195 17.48 2.65 -12.79
CA ALA A 195 18.17 3.85 -13.30
C ALA A 195 18.34 4.92 -12.23
N LEU A 196 17.32 5.13 -11.41
CA LEU A 196 17.39 6.12 -10.34
C LEU A 196 18.40 5.73 -9.25
N SER A 197 18.74 4.46 -9.16
CA SER A 197 19.79 4.01 -8.25
C SER A 197 21.14 4.58 -8.64
N ALA A 198 21.27 4.94 -9.92
CA ALA A 198 22.52 5.44 -10.49
C ALA A 198 22.63 6.98 -10.53
N GLY A 199 21.62 7.68 -10.02
CA GLY A 199 21.70 9.12 -9.93
C GLY A 199 21.65 9.77 -11.30
N ASP A 200 22.58 10.69 -11.57
CA ASP A 200 22.46 11.53 -12.77
C ASP A 200 22.64 10.76 -14.06
N LYS A 201 23.63 9.87 -14.10
CA LYS A 201 23.88 9.02 -15.27
C LYS A 201 22.61 8.24 -15.65
N GLY A 202 21.92 7.71 -14.65
CA GLY A 202 20.70 6.95 -14.86
C GLY A 202 19.53 7.79 -15.35
N ARG A 203 19.42 9.00 -14.81
CA ARG A 203 18.34 9.93 -15.21
C ARG A 203 18.44 10.33 -16.69
N ARG A 204 19.65 10.58 -17.17
CA ARG A 204 19.89 10.90 -18.58
C ARG A 204 19.48 9.77 -19.54
N ALA A 205 19.43 8.54 -19.04
CA ALA A 205 19.05 7.38 -19.84
C ALA A 205 17.54 7.08 -19.78
N LEU A 206 16.81 7.76 -18.90
CA LEU A 206 15.41 7.41 -18.65
C LEU A 206 14.51 7.54 -19.87
N PRO A 207 14.59 8.64 -20.62
CA PRO A 207 13.73 8.77 -21.80
C PRO A 207 13.77 7.53 -22.68
N VAL A 208 14.97 7.02 -22.91
CA VAL A 208 15.15 5.83 -23.75
C VAL A 208 14.72 4.55 -23.01
N LEU A 209 15.22 4.38 -21.78
CA LEU A 209 14.88 3.20 -20.98
C LEU A 209 13.38 3.07 -20.79
N ASP A 210 12.68 4.20 -20.76
CA ASP A 210 11.23 4.24 -20.71
C ASP A 210 10.62 3.63 -21.99
N LYS A 211 11.13 4.02 -23.15
CA LYS A 211 10.66 3.45 -24.42
C LYS A 211 10.83 1.92 -24.42
N TYR A 212 12.01 1.47 -24.00
CA TYR A 212 12.28 0.06 -23.82
C TYR A 212 11.24 -0.58 -22.92
N ALA A 213 11.10 -0.02 -21.73
CA ALA A 213 10.25 -0.59 -20.71
C ALA A 213 8.78 -0.59 -21.12
N GLU A 214 8.39 0.46 -21.84
CA GLU A 214 7.02 0.59 -22.30
C GLU A 214 6.71 -0.54 -23.29
N SER A 215 7.66 -0.87 -24.13
CA SER A 215 7.46 -1.94 -25.08
C SER A 215 7.54 -3.35 -24.46
N ILE A 216 8.51 -3.63 -23.58
CA ILE A 216 8.54 -4.95 -22.96
C ILE A 216 7.38 -5.09 -22.00
N GLY A 217 6.93 -3.96 -21.46
CA GLY A 217 5.81 -3.92 -20.54
C GLY A 217 4.57 -4.47 -21.20
N LEU A 218 4.17 -3.83 -22.28
CA LEU A 218 3.01 -4.31 -23.01
C LEU A 218 3.25 -5.74 -23.51
N ALA A 219 4.44 -6.04 -23.99
CA ALA A 219 4.74 -7.38 -24.54
C ALA A 219 4.48 -8.45 -23.49
N PHE A 220 4.88 -8.12 -22.25
CA PHE A 220 4.75 -9.02 -21.13
C PHE A 220 3.35 -9.53 -21.01
N GLN A 221 2.39 -8.60 -21.03
CA GLN A 221 1.00 -8.93 -20.83
C GLN A 221 0.35 -9.61 -22.04
N VAL A 222 0.77 -9.29 -23.26
CA VAL A 222 0.21 -10.00 -24.42
C VAL A 222 0.70 -11.45 -24.43
N GLN A 223 1.95 -11.67 -24.03
CA GLN A 223 2.47 -13.02 -23.92
C GLN A 223 1.80 -13.78 -22.80
N ASP A 224 1.48 -13.09 -21.72
CA ASP A 224 0.67 -13.66 -20.62
C ASP A 224 -0.74 -14.05 -21.06
N ASP A 225 -1.32 -13.27 -21.97
CA ASP A 225 -2.64 -13.56 -22.52
C ASP A 225 -2.54 -14.79 -23.41
N ILE A 226 -1.50 -14.83 -24.25
CA ILE A 226 -1.27 -15.93 -25.18
C ILE A 226 -1.07 -17.22 -24.41
N LEU A 227 -0.30 -17.13 -23.33
CA LEU A 227 0.00 -18.31 -22.52
C LEU A 227 -1.23 -18.80 -21.79
N ASP A 228 -2.16 -17.90 -21.47
CA ASP A 228 -3.40 -18.32 -20.84
C ASP A 228 -4.24 -19.22 -21.76
N VAL A 229 -4.18 -18.97 -23.07
CA VAL A 229 -4.85 -19.82 -24.05
C VAL A 229 -4.13 -21.16 -24.28
N VAL A 230 -2.85 -21.10 -24.68
CA VAL A 230 -2.11 -22.29 -25.15
C VAL A 230 -1.20 -22.97 -24.13
N GLY A 231 -1.17 -22.49 -22.89
CA GLY A 231 -0.21 -22.97 -21.93
C GLY A 231 -0.72 -24.21 -21.21
N ASP A 232 0.18 -25.11 -20.85
CA ASP A 232 -0.15 -26.25 -19.98
C ASP A 232 -0.25 -25.69 -18.57
N THR A 233 -1.30 -26.05 -17.83
CA THR A 233 -1.47 -25.66 -16.43
C THR A 233 -0.21 -25.97 -15.61
N ALA A 234 0.32 -27.19 -15.78
CA ALA A 234 1.46 -27.67 -15.01
C ALA A 234 2.77 -26.91 -15.32
N THR A 235 2.86 -26.34 -16.52
CA THR A 235 4.00 -25.49 -16.85
C THR A 235 3.79 -24.06 -16.31
N LEU A 236 2.58 -23.53 -16.52
CA LEU A 236 2.24 -22.16 -16.11
C LEU A 236 2.24 -21.95 -14.60
N GLY A 237 1.92 -23.00 -13.86
CA GLY A 237 1.68 -22.90 -12.44
C GLY A 237 0.28 -22.41 -12.13
N LYS A 238 -0.48 -22.04 -13.17
CA LYS A 238 -1.82 -21.49 -13.03
C LYS A 238 -2.72 -22.07 -14.10
N ARG A 239 -4.03 -21.91 -13.93
CA ARG A 239 -5.00 -22.62 -14.75
C ARG A 239 -5.16 -22.03 -16.16
N GLN A 240 -4.91 -22.88 -17.17
CA GLN A 240 -5.20 -22.59 -18.57
C GLN A 240 -6.68 -22.32 -18.78
N GLY A 241 -6.99 -21.27 -19.52
CA GLY A 241 -8.36 -20.96 -19.86
C GLY A 241 -9.12 -20.22 -18.76
N ALA A 242 -8.40 -19.66 -17.79
CA ALA A 242 -9.00 -18.83 -16.75
C ALA A 242 -9.57 -17.52 -17.34
N ASP A 243 -8.86 -16.95 -18.29
CA ASP A 243 -9.31 -15.74 -18.98
C ASP A 243 -10.61 -15.97 -19.74
N GLN A 244 -10.62 -17.04 -20.52
CA GLN A 244 -11.78 -17.42 -21.32
C GLN A 244 -12.98 -17.70 -20.40
N GLN A 245 -12.70 -18.23 -19.22
CA GLN A 245 -13.74 -18.56 -18.26
C GLN A 245 -14.45 -17.33 -17.68
N LEU A 246 -13.75 -16.21 -17.56
CA LEU A 246 -14.32 -14.96 -17.01
C LEU A 246 -14.68 -13.88 -18.04
N GLY A 247 -14.48 -14.16 -19.33
CA GLY A 247 -14.80 -13.20 -20.37
C GLY A 247 -13.86 -12.00 -20.37
N LYS A 248 -12.62 -12.22 -19.99
CA LYS A 248 -11.64 -11.16 -19.96
C LYS A 248 -11.34 -10.69 -21.36
N SER A 249 -11.18 -9.38 -21.51
CA SER A 249 -10.73 -8.78 -22.76
C SER A 249 -9.22 -8.98 -22.88
N THR A 250 -8.79 -9.81 -23.83
CA THR A 250 -7.36 -10.09 -24.02
C THR A 250 -6.93 -9.89 -25.46
N TYR A 251 -5.62 -9.86 -25.70
CA TYR A 251 -5.12 -9.74 -27.06
C TYR A 251 -5.54 -10.92 -27.95
N PRO A 252 -5.26 -12.17 -27.56
CA PRO A 252 -5.71 -13.34 -28.35
C PRO A 252 -7.22 -13.47 -28.49
N ALA A 253 -7.99 -13.09 -27.48
CA ALA A 253 -9.46 -13.15 -27.60
C ALA A 253 -9.92 -12.24 -28.73
N LEU A 254 -9.36 -11.03 -28.77
CA LEU A 254 -9.71 -10.04 -29.79
C LEU A 254 -9.11 -10.36 -31.16
N LEU A 255 -7.80 -10.55 -31.22
CA LEU A 255 -7.05 -10.61 -32.49
C LEU A 255 -6.73 -12.01 -33.00
N GLY A 256 -7.00 -13.04 -32.18
CA GLY A 256 -6.51 -14.38 -32.41
C GLY A 256 -5.04 -14.54 -32.01
N LEU A 257 -4.56 -15.78 -32.03
CA LEU A 257 -3.19 -16.08 -31.61
C LEU A 257 -2.10 -15.57 -32.56
N GLU A 258 -2.23 -15.79 -33.86
CA GLU A 258 -1.23 -15.31 -34.83
C GLU A 258 -0.93 -13.83 -34.64
N GLN A 259 -1.99 -13.02 -34.55
CA GLN A 259 -1.86 -11.56 -34.51
C GLN A 259 -1.39 -11.03 -33.16
N ALA A 260 -1.82 -11.66 -32.07
CA ALA A 260 -1.28 -11.30 -30.77
C ALA A 260 0.22 -11.62 -30.74
N ARG A 261 0.59 -12.81 -31.21
CA ARG A 261 2.01 -13.20 -31.29
C ARG A 261 2.83 -12.18 -32.04
N LYS A 262 2.28 -11.70 -33.14
CA LYS A 262 2.99 -10.80 -34.02
C LYS A 262 3.15 -9.46 -33.35
N LYS A 263 2.13 -9.04 -32.58
CA LYS A 263 2.20 -7.78 -31.87
C LYS A 263 3.26 -7.84 -30.77
N ALA A 264 3.39 -8.97 -30.11
CA ALA A 264 4.43 -9.16 -29.10
C ALA A 264 5.82 -9.11 -29.74
N ARG A 265 5.99 -9.82 -30.85
CA ARG A 265 7.23 -9.78 -31.64
C ARG A 265 7.62 -8.36 -32.03
N ASP A 266 6.64 -7.58 -32.48
CA ASP A 266 6.89 -6.22 -32.95
C ASP A 266 7.31 -5.30 -31.81
N LEU A 267 6.74 -5.53 -30.64
CA LEU A 267 7.03 -4.71 -29.48
C LEU A 267 8.45 -4.98 -28.95
N ILE A 268 8.92 -6.23 -29.08
CA ILE A 268 10.31 -6.57 -28.71
C ILE A 268 11.29 -6.07 -29.77
N ASP A 269 10.93 -6.18 -31.06
CA ASP A 269 11.67 -5.48 -32.14
C ASP A 269 11.97 -4.04 -31.72
N ASP A 270 10.94 -3.37 -31.19
CA ASP A 270 11.00 -1.96 -30.84
C ASP A 270 11.82 -1.79 -29.58
N ALA A 271 11.63 -2.70 -28.63
CA ALA A 271 12.35 -2.68 -27.38
C ALA A 271 13.84 -2.82 -27.61
N ARG A 272 14.23 -3.62 -28.59
CA ARG A 272 15.63 -3.82 -28.89
C ARG A 272 16.17 -2.65 -29.69
N GLN A 273 15.32 -2.00 -30.49
CA GLN A 273 15.69 -0.75 -31.17
C GLN A 273 16.08 0.34 -30.17
N SER A 274 15.35 0.42 -29.06
CA SER A 274 15.63 1.42 -28.03
C SER A 274 16.96 1.13 -27.37
N LEU A 275 17.20 -0.14 -27.10
CA LEU A 275 18.43 -0.57 -26.45
C LEU A 275 19.68 -0.33 -27.29
N LYS A 276 19.51 -0.19 -28.61
CA LYS A 276 20.64 0.12 -29.49
C LYS A 276 21.12 1.55 -29.22
N GLN A 277 20.19 2.47 -28.98
CA GLN A 277 20.56 3.83 -28.59
C GLN A 277 21.37 3.87 -27.28
N LEU A 278 21.09 2.96 -26.34
CA LEU A 278 21.84 2.90 -25.08
C LEU A 278 23.21 2.24 -25.21
N ALA A 279 23.30 1.23 -26.10
CA ALA A 279 24.56 0.53 -26.37
C ALA A 279 25.53 1.41 -27.14
N GLU A 280 24.98 2.46 -27.75
CA GLU A 280 25.74 3.44 -28.52
C GLU A 280 26.54 4.35 -27.61
N GLN A 281 26.07 4.52 -26.38
CA GLN A 281 26.79 5.27 -25.37
C GLN A 281 27.73 4.36 -24.55
N SER A 282 27.94 3.14 -25.03
CA SER A 282 28.78 2.12 -24.36
C SER A 282 28.22 1.67 -22.99
N LEU A 283 26.90 1.48 -22.96
CA LEU A 283 26.27 0.79 -21.85
C LEU A 283 25.99 -0.63 -22.33
N ASP A 284 26.24 -1.60 -21.48
CA ASP A 284 26.07 -3.02 -21.81
C ASP A 284 24.58 -3.37 -21.72
N THR A 285 23.94 -3.51 -22.88
CA THR A 285 22.51 -3.80 -22.91
C THR A 285 22.19 -5.28 -23.02
N SER A 286 23.21 -6.14 -23.03
CA SER A 286 23.02 -7.56 -23.34
C SER A 286 21.98 -8.26 -22.46
N ALA A 287 21.96 -7.95 -21.16
CA ALA A 287 21.01 -8.59 -20.23
C ALA A 287 19.58 -8.15 -20.49
N LEU A 288 19.37 -6.90 -20.88
CA LEU A 288 18.05 -6.38 -21.24
C LEU A 288 17.60 -6.79 -22.65
N GLU A 289 18.55 -7.00 -23.55
CA GLU A 289 18.30 -7.61 -24.85
C GLU A 289 17.75 -9.01 -24.61
N ALA A 290 18.47 -9.77 -23.80
CA ALA A 290 18.13 -11.16 -23.52
C ALA A 290 16.77 -11.27 -22.85
N LEU A 291 16.47 -10.35 -21.95
CA LEU A 291 15.23 -10.42 -21.18
C LEU A 291 14.07 -10.07 -22.07
N ALA A 292 14.24 -9.02 -22.86
CA ALA A 292 13.22 -8.63 -23.83
C ALA A 292 12.78 -9.84 -24.63
N ASP A 293 13.76 -10.64 -25.06
CA ASP A 293 13.50 -11.83 -25.88
C ASP A 293 12.81 -12.91 -25.07
N TYR A 294 13.29 -13.15 -23.85
CA TYR A 294 12.69 -14.14 -22.98
C TYR A 294 11.22 -13.82 -22.69
N ILE A 295 10.86 -12.54 -22.69
CA ILE A 295 9.49 -12.09 -22.40
C ILE A 295 8.45 -12.64 -23.38
N ILE A 296 8.86 -12.99 -24.60
CA ILE A 296 7.95 -13.61 -25.58
C ILE A 296 8.31 -15.03 -25.99
N GLN A 297 9.48 -15.51 -25.57
CA GLN A 297 9.90 -16.88 -25.86
C GLN A 297 9.50 -17.82 -24.72
N ARG A 298 9.19 -17.26 -23.56
CA ARG A 298 8.92 -18.05 -22.38
C ARG A 298 7.63 -18.87 -22.51
N ASN A 299 7.59 -19.97 -21.79
CA ASN A 299 6.42 -20.86 -21.81
C ASN A 299 5.68 -20.80 -20.46
N LYS A 300 6.11 -19.88 -19.58
CA LYS A 300 5.48 -19.65 -18.27
C LYS A 300 5.77 -18.25 -17.69
N ASP B 3 -13.44 27.21 21.53
CA ASP B 3 -14.59 26.35 21.09
C ASP B 3 -14.07 25.15 20.29
N PHE B 4 -14.08 23.98 20.93
CA PHE B 4 -13.48 22.79 20.36
C PHE B 4 -14.27 22.14 19.20
N PRO B 5 -15.60 22.09 19.28
CA PRO B 5 -16.41 21.63 18.14
C PRO B 5 -16.22 22.45 16.85
N GLN B 6 -15.92 23.74 16.95
CA GLN B 6 -15.60 24.54 15.75
C GLN B 6 -14.23 24.16 15.19
N GLN B 7 -13.27 23.88 16.08
CA GLN B 7 -11.93 23.48 15.67
C GLN B 7 -11.95 22.10 15.00
N LEU B 8 -12.87 21.23 15.42
CA LEU B 8 -13.10 19.94 14.78
C LEU B 8 -13.63 20.17 13.39
N GLU B 9 -14.60 21.06 13.31
CA GLU B 9 -15.37 21.28 12.12
C GLU B 9 -14.45 21.87 11.06
N ALA B 10 -13.72 22.91 11.45
CA ALA B 10 -12.68 23.52 10.62
C ALA B 10 -11.61 22.51 10.19
N CYS B 11 -11.24 21.58 11.06
CA CYS B 11 -10.26 20.56 10.69
C CYS B 11 -10.82 19.64 9.61
N VAL B 12 -12.08 19.25 9.74
CA VAL B 12 -12.74 18.42 8.74
C VAL B 12 -12.73 19.09 7.37
N LYS B 13 -13.03 20.38 7.32
CA LYS B 13 -13.09 21.11 6.07
C LYS B 13 -11.72 21.22 5.46
N GLN B 14 -10.75 21.60 6.29
CA GLN B 14 -9.37 21.74 5.87
C GLN B 14 -8.82 20.44 5.32
N ALA B 15 -9.10 19.32 5.99
CA ALA B 15 -8.56 18.02 5.61
C ALA B 15 -9.21 17.51 4.33
N ASN B 16 -10.51 17.75 4.18
CA ASN B 16 -11.24 17.34 2.99
C ASN B 16 -10.79 18.07 1.75
N GLN B 17 -10.44 19.34 1.90
CA GLN B 17 -9.92 20.08 0.75
C GLN B 17 -8.51 19.59 0.43
N ALA B 18 -7.72 19.24 1.45
CA ALA B 18 -6.41 18.66 1.22
C ALA B 18 -6.49 17.36 0.41
N LEU B 19 -7.34 16.44 0.84
CA LEU B 19 -7.55 15.17 0.15
C LEU B 19 -8.03 15.38 -1.29
N SER B 20 -9.05 16.23 -1.45
CA SER B 20 -9.56 16.59 -2.78
C SER B 20 -8.49 17.20 -3.68
N ARG B 21 -7.61 18.03 -3.12
CA ARG B 21 -6.49 18.59 -3.87
C ARG B 21 -5.62 17.46 -4.43
N PHE B 22 -5.34 16.45 -3.62
CA PHE B 22 -4.46 15.35 -4.02
C PHE B 22 -5.14 14.29 -4.85
N ILE B 23 -6.46 14.26 -4.84
CA ILE B 23 -7.21 13.27 -5.61
C ILE B 23 -7.52 13.84 -7.00
N ALA B 24 -7.64 15.16 -7.10
CA ALA B 24 -8.02 15.85 -8.35
C ALA B 24 -7.21 15.50 -9.61
N PRO B 25 -5.86 15.56 -9.55
CA PRO B 25 -5.04 15.27 -10.74
C PRO B 25 -4.99 13.79 -11.16
N LEU B 26 -5.57 12.88 -10.38
CA LEU B 26 -5.52 11.46 -10.71
C LEU B 26 -6.33 11.14 -11.96
N PRO B 27 -5.91 10.11 -12.70
CA PRO B 27 -6.69 9.66 -13.84
C PRO B 27 -7.95 8.91 -13.41
N PHE B 28 -8.81 8.62 -14.38
CA PHE B 28 -9.99 7.80 -14.19
C PHE B 28 -11.01 8.44 -13.25
N GLN B 29 -11.08 9.77 -13.24
CA GLN B 29 -12.14 10.49 -12.55
C GLN B 29 -13.48 10.03 -13.10
N ASN B 30 -14.45 9.78 -12.22
CA ASN B 30 -15.78 9.35 -12.61
C ASN B 30 -15.84 7.93 -13.18
N THR B 31 -14.88 7.10 -12.79
CA THR B 31 -14.97 5.67 -12.99
C THR B 31 -15.25 5.08 -11.62
N PRO B 32 -15.91 3.92 -11.56
CA PRO B 32 -16.23 3.27 -10.28
C PRO B 32 -15.11 3.25 -9.24
N VAL B 33 -13.89 2.85 -9.60
CA VAL B 33 -12.84 2.66 -8.61
C VAL B 33 -12.45 3.96 -7.91
N VAL B 34 -12.40 5.06 -8.67
CA VAL B 34 -12.02 6.36 -8.12
C VAL B 34 -13.18 6.97 -7.35
N GLU B 35 -14.41 6.73 -7.82
CA GLU B 35 -15.60 7.10 -7.08
C GLU B 35 -15.64 6.42 -5.71
N THR B 36 -15.09 5.21 -5.62
CA THR B 36 -15.03 4.46 -4.38
C THR B 36 -13.97 5.02 -3.45
N MET B 37 -12.86 5.48 -4.03
CA MET B 37 -11.83 6.16 -3.26
C MET B 37 -12.34 7.47 -2.67
N GLN B 38 -13.16 8.22 -3.43
CA GLN B 38 -13.65 9.52 -2.97
C GLN B 38 -14.68 9.32 -1.88
N TYR B 39 -15.58 8.36 -2.11
CA TYR B 39 -16.61 7.96 -1.16
C TYR B 39 -16.01 7.52 0.18
N GLY B 40 -14.97 6.69 0.09
CA GLY B 40 -14.36 6.11 1.27
C GLY B 40 -13.51 7.10 2.04
N ALA B 41 -12.88 8.01 1.32
CA ALA B 41 -11.96 8.97 1.91
C ALA B 41 -12.65 10.22 2.42
N LEU B 42 -13.68 10.69 1.70
CA LEU B 42 -14.20 12.07 1.86
C LEU B 42 -15.59 12.24 2.43
N LEU B 43 -16.42 11.19 2.42
CA LEU B 43 -17.83 11.27 2.84
C LEU B 43 -18.00 10.82 4.30
N GLY B 44 -17.98 11.79 5.20
CA GLY B 44 -18.10 11.51 6.61
C GLY B 44 -16.75 11.24 7.23
N GLY B 45 -16.76 11.15 8.55
CA GLY B 45 -15.55 10.94 9.32
C GLY B 45 -15.23 12.16 10.15
N LYS B 46 -14.62 11.93 11.30
CA LYS B 46 -14.32 12.98 12.26
C LYS B 46 -13.02 13.69 11.91
N ARG B 47 -12.19 13.00 11.13
CA ARG B 47 -10.85 13.42 10.74
C ARG B 47 -9.99 13.72 11.93
N LEU B 48 -9.95 12.79 12.91
CA LEU B 48 -9.23 13.03 14.16
C LEU B 48 -7.74 12.88 13.98
N ARG B 49 -7.36 12.07 13.01
CA ARG B 49 -5.95 11.88 12.70
C ARG B 49 -5.37 13.11 12.00
N PRO B 50 -5.97 13.62 10.92
CA PRO B 50 -5.58 14.94 10.42
C PRO B 50 -5.48 15.95 11.54
N PHE B 51 -6.44 15.94 12.45
CA PHE B 51 -6.42 16.85 13.59
C PHE B 51 -5.13 16.72 14.39
N LEU B 52 -4.66 15.49 14.56
CA LEU B 52 -3.48 15.22 15.34
C LEU B 52 -2.27 15.73 14.61
N VAL B 53 -2.28 15.59 13.29
CA VAL B 53 -1.16 16.07 12.48
C VAL B 53 -1.08 17.58 12.57
N TYR B 54 -2.19 18.26 12.33
CA TYR B 54 -2.23 19.73 12.34
C TYR B 54 -1.93 20.32 13.73
N ALA B 55 -2.51 19.70 14.76
CA ALA B 55 -2.36 20.22 16.12
C ALA B 55 -0.94 20.03 16.60
N THR B 56 -0.31 18.94 16.20
CA THR B 56 1.07 18.71 16.58
C THR B 56 1.98 19.69 15.88
N GLY B 57 1.84 19.73 14.56
CA GLY B 57 2.63 20.61 13.71
C GLY B 57 2.48 22.06 14.11
N HIS B 58 1.24 22.48 14.39
CA HIS B 58 0.98 23.86 14.79
C HIS B 58 1.74 24.26 16.06
N MET B 59 1.97 23.34 16.99
CA MET B 59 2.74 23.64 18.21
C MET B 59 4.12 24.23 17.89
N PHE B 60 4.75 23.76 16.83
CA PHE B 60 6.08 24.22 16.44
C PHE B 60 6.05 25.27 15.34
N GLY B 61 4.86 25.75 15.03
CA GLY B 61 4.72 26.87 14.13
C GLY B 61 4.82 26.49 12.66
N VAL B 62 4.55 25.24 12.32
CA VAL B 62 4.61 24.92 10.90
C VAL B 62 3.26 25.20 10.27
N SER B 63 3.33 25.69 9.05
CA SER B 63 2.20 26.14 8.27
C SER B 63 1.23 25.01 7.99
N THR B 64 -0.05 25.30 8.19
CA THR B 64 -1.14 24.43 7.86
C THR B 64 -1.07 23.86 6.45
N ASN B 65 -0.67 24.70 5.50
CA ASN B 65 -0.62 24.29 4.11
C ASN B 65 0.41 23.16 3.88
N THR B 66 1.53 23.23 4.60
CA THR B 66 2.54 22.18 4.64
C THR B 66 2.01 20.91 5.27
N LEU B 67 1.21 21.07 6.31
CA LEU B 67 0.69 19.96 7.09
C LEU B 67 -0.41 19.21 6.38
N ASP B 68 -1.04 19.83 5.38
CA ASP B 68 -2.01 19.16 4.50
C ASP B 68 -1.47 17.86 3.92
N ALA B 69 -0.18 17.84 3.58
CA ALA B 69 0.44 16.66 2.99
C ALA B 69 0.34 15.48 3.95
N PRO B 70 1.02 15.54 5.09
CA PRO B 70 0.93 14.44 6.06
C PRO B 70 -0.47 14.21 6.64
N ALA B 71 -1.28 15.26 6.72
CA ALA B 71 -2.66 15.13 7.19
C ALA B 71 -3.46 14.25 6.22
N ALA B 72 -3.36 14.55 4.92
CA ALA B 72 -4.08 13.80 3.91
C ALA B 72 -3.54 12.40 3.82
N ALA B 73 -2.24 12.25 4.06
CA ALA B 73 -1.61 10.96 3.92
C ALA B 73 -2.10 10.01 5.01
N VAL B 74 -2.11 10.44 6.27
CA VAL B 74 -2.58 9.56 7.33
C VAL B 74 -4.05 9.24 7.14
N GLU B 75 -4.82 10.19 6.61
CA GLU B 75 -6.22 9.94 6.36
C GLU B 75 -6.44 8.97 5.19
N CYS B 76 -5.56 8.97 4.19
CA CYS B 76 -5.61 7.97 3.13
C CYS B 76 -5.37 6.55 3.65
N ILE B 77 -4.39 6.39 4.52
CA ILE B 77 -4.11 5.10 5.15
C ILE B 77 -5.32 4.69 5.96
N HIS B 78 -5.83 5.62 6.75
CA HIS B 78 -7.00 5.37 7.57
C HIS B 78 -8.21 4.93 6.73
N ALA B 79 -8.50 5.70 5.68
CA ALA B 79 -9.66 5.42 4.83
C ALA B 79 -9.54 4.07 4.15
N TYR B 80 -8.36 3.79 3.61
CA TYR B 80 -8.10 2.48 3.03
C TYR B 80 -8.36 1.38 4.08
N SER B 81 -7.91 1.62 5.31
CA SER B 81 -8.04 0.63 6.37
C SER B 81 -9.50 0.31 6.69
N LEU B 82 -10.36 1.31 6.63
CA LEU B 82 -11.77 1.08 6.89
C LEU B 82 -12.40 0.28 5.75
N ILE B 83 -12.10 0.65 4.52
CA ILE B 83 -12.68 -0.03 3.35
C ILE B 83 -12.43 -1.54 3.42
N HIS B 84 -11.17 -1.93 3.64
CA HIS B 84 -10.83 -3.36 3.81
C HIS B 84 -11.42 -3.99 5.07
N ASP B 85 -11.45 -3.22 6.16
CA ASP B 85 -11.96 -3.71 7.44
C ASP B 85 -13.46 -4.07 7.34
N ASP B 86 -14.18 -3.46 6.42
CA ASP B 86 -15.61 -3.71 6.29
C ASP B 86 -15.93 -4.88 5.36
N LEU B 87 -14.93 -5.43 4.67
CA LEU B 87 -15.17 -6.46 3.66
C LEU B 87 -15.80 -7.71 4.27
N PRO B 88 -16.56 -8.48 3.48
CA PRO B 88 -17.11 -9.75 3.97
C PRO B 88 -16.12 -10.71 4.65
N ALA B 89 -14.93 -10.92 4.09
CA ALA B 89 -13.96 -11.80 4.76
C ALA B 89 -13.44 -11.24 6.10
N MET B 90 -13.54 -9.93 6.27
CA MET B 90 -13.11 -9.26 7.49
C MET B 90 -14.27 -9.12 8.51
N ASP B 91 -14.82 -7.91 8.68
CA ASP B 91 -15.87 -7.65 9.67
C ASP B 91 -17.26 -7.74 9.10
N ASP B 92 -17.37 -7.75 7.78
CA ASP B 92 -18.65 -7.93 7.10
C ASP B 92 -19.70 -6.90 7.51
N ASP B 93 -19.33 -5.63 7.44
CA ASP B 93 -20.24 -4.54 7.78
C ASP B 93 -20.84 -3.90 6.52
N ASP B 94 -22.11 -3.54 6.61
CA ASP B 94 -22.77 -2.83 5.52
C ASP B 94 -23.05 -1.36 5.83
N LEU B 95 -22.64 -0.91 7.02
CA LEU B 95 -22.83 0.49 7.41
C LEU B 95 -21.52 1.14 7.87
N ARG B 96 -21.25 2.34 7.39
CA ARG B 96 -20.16 3.16 7.88
C ARG B 96 -20.36 4.63 7.53
N ARG B 97 -20.17 5.48 8.53
CA ARG B 97 -20.37 6.92 8.42
C ARG B 97 -21.77 7.29 7.95
N GLY B 98 -22.76 6.52 8.40
CA GLY B 98 -24.15 6.77 8.10
C GLY B 98 -24.57 6.34 6.70
N LEU B 99 -23.66 5.68 5.98
CA LEU B 99 -23.89 5.29 4.59
C LEU B 99 -23.53 3.81 4.38
N PRO B 100 -24.06 3.20 3.33
CA PRO B 100 -23.61 1.88 2.90
C PRO B 100 -22.09 1.83 2.69
N THR B 101 -21.44 0.76 3.16
CA THR B 101 -19.99 0.65 3.09
C THR B 101 -19.52 0.60 1.64
N CYS B 102 -18.21 0.70 1.43
CA CYS B 102 -17.67 0.79 0.08
C CYS B 102 -17.97 -0.46 -0.74
N HIS B 103 -17.79 -1.63 -0.13
CA HIS B 103 -18.03 -2.88 -0.84
C HIS B 103 -19.51 -3.12 -1.14
N VAL B 104 -20.38 -2.54 -0.34
CA VAL B 104 -21.82 -2.64 -0.59
C VAL B 104 -22.22 -1.75 -1.77
N LYS B 105 -21.78 -0.50 -1.79
CA LYS B 105 -22.19 0.42 -2.86
C LYS B 105 -21.52 0.13 -4.21
N PHE B 106 -20.26 -0.26 -4.17
CA PHE B 106 -19.45 -0.40 -5.39
C PHE B 106 -19.01 -1.84 -5.74
N GLY B 107 -19.45 -2.81 -4.93
CA GLY B 107 -18.98 -4.19 -5.05
C GLY B 107 -17.62 -4.42 -4.36
N GLU B 108 -17.30 -5.69 -4.14
CA GLU B 108 -16.07 -6.08 -3.42
C GLU B 108 -14.80 -5.78 -4.20
N ALA B 109 -14.82 -6.02 -5.50
CA ALA B 109 -13.62 -5.84 -6.32
C ALA B 109 -13.17 -4.40 -6.26
N ASN B 110 -14.12 -3.47 -6.41
CA ASN B 110 -13.81 -2.04 -6.38
C ASN B 110 -13.34 -1.55 -5.02
N ALA B 111 -13.95 -2.06 -3.95
CA ALA B 111 -13.54 -1.70 -2.59
C ALA B 111 -12.11 -2.15 -2.32
N ILE B 112 -11.82 -3.41 -2.61
CA ILE B 112 -10.48 -3.95 -2.50
C ILE B 112 -9.46 -3.06 -3.24
N LEU B 113 -9.71 -2.79 -4.51
CA LEU B 113 -8.81 -1.96 -5.30
C LEU B 113 -8.75 -0.53 -4.84
N ALA B 114 -9.88 0.04 -4.42
CA ALA B 114 -9.89 1.43 -3.97
C ALA B 114 -9.05 1.56 -2.70
N GLY B 115 -9.03 0.51 -1.87
CA GLY B 115 -8.30 0.54 -0.62
C GLY B 115 -6.81 0.44 -0.92
N ASP B 116 -6.48 -0.38 -1.91
CA ASP B 116 -5.11 -0.55 -2.33
C ASP B 116 -4.59 0.76 -2.86
N ALA B 117 -5.37 1.40 -3.72
CA ALA B 117 -5.02 2.64 -4.37
C ALA B 117 -4.87 3.79 -3.37
N LEU B 118 -5.70 3.79 -2.34
CA LEU B 118 -5.64 4.82 -1.31
C LEU B 118 -4.37 4.66 -0.51
N GLN B 119 -3.99 3.43 -0.20
CA GLN B 119 -2.71 3.19 0.46
C GLN B 119 -1.62 3.85 -0.37
N THR B 120 -1.55 3.48 -1.64
CA THR B 120 -0.50 3.96 -2.53
C THR B 120 -0.49 5.48 -2.63
N LEU B 121 -1.69 6.08 -2.70
CA LEU B 121 -1.83 7.56 -2.72
C LEU B 121 -1.21 8.23 -1.49
N ALA B 122 -1.32 7.62 -0.31
CA ALA B 122 -0.70 8.13 0.89
C ALA B 122 0.79 8.37 0.67
N PHE B 123 1.42 7.44 -0.04
CA PHE B 123 2.83 7.52 -0.33
C PHE B 123 3.20 8.42 -1.52
N SER B 124 2.31 8.58 -2.48
CA SER B 124 2.49 9.57 -3.54
C SER B 124 2.49 10.97 -2.93
N ILE B 125 1.55 11.21 -2.03
CA ILE B 125 1.38 12.49 -1.36
C ILE B 125 2.60 12.82 -0.55
N LEU B 126 3.08 11.88 0.25
CA LEU B 126 4.22 12.15 1.11
C LEU B 126 5.49 12.37 0.28
N SER B 127 5.58 11.72 -0.88
CA SER B 127 6.77 11.86 -1.72
C SER B 127 6.74 13.02 -2.75
N ASP B 128 5.54 13.39 -3.22
CA ASP B 128 5.37 14.37 -4.31
C ASP B 128 4.86 15.73 -3.87
N ALA B 129 4.30 15.83 -2.65
CA ALA B 129 3.57 17.02 -2.27
C ALA B 129 4.48 18.14 -1.84
N ASP B 130 3.99 19.36 -1.98
CA ASP B 130 4.68 20.56 -1.53
C ASP B 130 4.68 20.60 -0.01
N MET B 131 5.87 20.61 0.59
CA MET B 131 6.05 20.85 2.01
C MET B 131 7.27 21.78 2.11
N PRO B 132 7.05 23.06 1.81
CA PRO B 132 8.13 24.06 1.71
C PRO B 132 9.40 23.92 2.60
N GLU B 133 9.22 23.70 3.90
CA GLU B 133 10.31 23.81 4.87
C GLU B 133 10.78 22.45 5.38
N VAL B 134 10.43 21.38 4.67
CA VAL B 134 10.72 20.03 5.10
C VAL B 134 11.84 19.46 4.23
N SER B 135 12.96 19.12 4.86
CA SER B 135 14.11 18.54 4.16
C SER B 135 13.77 17.16 3.59
N ASP B 136 14.60 16.73 2.64
CA ASP B 136 14.45 15.43 2.01
C ASP B 136 14.58 14.33 3.04
N ARG B 137 15.56 14.48 3.91
CA ARG B 137 15.76 13.53 5.00
C ARG B 137 14.51 13.45 5.91
N ASP B 138 13.94 14.59 6.24
CA ASP B 138 12.71 14.64 7.03
C ASP B 138 11.50 14.03 6.30
N ARG B 139 11.38 14.30 5.00
CA ARG B 139 10.33 13.73 4.18
C ARG B 139 10.45 12.21 4.21
N ILE B 140 11.68 11.69 4.07
CA ILE B 140 11.93 10.25 4.08
C ILE B 140 11.51 9.66 5.43
N SER B 141 11.73 10.41 6.50
CA SER B 141 11.40 9.96 7.83
C SER B 141 9.91 9.85 8.05
N MET B 142 9.14 10.75 7.43
CA MET B 142 7.69 10.70 7.49
C MET B 142 7.19 9.47 6.77
N ILE B 143 7.69 9.27 5.57
CA ILE B 143 7.32 8.13 4.75
C ILE B 143 7.67 6.82 5.47
N SER B 144 8.83 6.81 6.11
CA SER B 144 9.28 5.62 6.81
C SER B 144 8.39 5.30 8.00
N GLU B 145 8.02 6.35 8.72
CA GLU B 145 7.16 6.21 9.89
C GLU B 145 5.74 5.77 9.50
N LEU B 146 5.19 6.38 8.47
CA LEU B 146 3.86 6.05 8.02
C LEU B 146 3.80 4.60 7.56
N ALA B 147 4.81 4.20 6.82
CA ALA B 147 4.91 2.80 6.36
C ALA B 147 5.02 1.84 7.55
N SER B 148 5.87 2.13 8.52
CA SER B 148 6.02 1.21 9.64
C SER B 148 4.74 1.15 10.50
N ALA B 149 4.10 2.30 10.66
CA ALA B 149 2.87 2.37 11.45
C ALA B 149 1.68 1.70 10.77
N SER B 150 1.73 1.59 9.45
CA SER B 150 0.58 1.11 8.68
C SER B 150 0.68 -0.37 8.35
N GLY B 151 1.89 -0.90 8.32
CA GLY B 151 2.13 -2.24 7.82
C GLY B 151 2.08 -3.24 8.95
N ILE B 152 2.79 -4.34 8.78
CA ILE B 152 2.69 -5.49 9.66
C ILE B 152 3.16 -5.19 11.10
N ALA B 153 4.03 -4.19 11.27
CA ALA B 153 4.49 -3.73 12.59
C ALA B 153 3.54 -2.74 13.24
N GLY B 154 2.50 -2.33 12.52
CA GLY B 154 1.51 -1.43 13.04
C GLY B 154 0.13 -1.91 12.66
N MET B 155 -0.55 -1.13 11.83
CA MET B 155 -1.98 -1.30 11.60
C MET B 155 -2.37 -2.65 11.02
N CYS B 156 -1.68 -3.10 9.97
CA CYS B 156 -2.00 -4.40 9.34
C CYS B 156 -1.71 -5.56 10.27
N GLY B 157 -0.68 -5.40 11.10
CA GLY B 157 -0.31 -6.43 12.06
C GLY B 157 -1.33 -6.56 13.16
N GLY B 158 -1.93 -5.44 13.54
CA GLY B 158 -2.97 -5.42 14.55
C GLY B 158 -4.25 -6.02 13.98
N GLN B 159 -4.53 -5.72 12.72
CA GLN B 159 -5.71 -6.25 12.05
C GLN B 159 -5.60 -7.77 12.01
N ALA B 160 -4.39 -8.28 11.86
CA ALA B 160 -4.15 -9.72 11.80
C ALA B 160 -4.25 -10.34 13.18
N LEU B 161 -3.85 -9.61 14.21
CA LEU B 161 -4.01 -10.07 15.59
C LEU B 161 -5.49 -10.12 15.94
N ASP B 162 -6.24 -9.14 15.43
CA ASP B 162 -7.69 -9.00 15.58
C ASP B 162 -8.45 -10.18 14.95
N LEU B 163 -8.02 -10.59 13.75
CA LEU B 163 -8.64 -11.69 13.00
C LEU B 163 -8.42 -13.01 13.72
N ASP B 164 -7.22 -13.17 14.25
CA ASP B 164 -6.82 -14.39 14.94
C ASP B 164 -7.45 -14.49 16.34
N ALA B 165 -7.81 -13.34 16.93
CA ALA B 165 -8.45 -13.29 18.26
C ALA B 165 -9.98 -13.34 18.21
N GLU B 166 -10.57 -13.35 17.02
CA GLU B 166 -12.01 -13.62 16.88
C GLU B 166 -12.35 -14.97 17.49
N GLY B 167 -13.27 -14.99 18.46
CA GLY B 167 -13.73 -16.22 19.07
C GLY B 167 -12.88 -16.79 20.20
N LYS B 168 -11.72 -16.19 20.47
CA LYS B 168 -10.79 -16.71 21.48
C LYS B 168 -10.89 -15.99 22.83
N HIS B 169 -11.45 -14.78 22.85
CA HIS B 169 -11.56 -14.02 24.10
C HIS B 169 -10.19 -13.98 24.78
N VAL B 170 -9.25 -13.35 24.10
CA VAL B 170 -7.88 -13.28 24.58
C VAL B 170 -7.83 -12.46 25.85
N PRO B 171 -6.85 -12.71 26.71
CA PRO B 171 -6.67 -11.91 27.92
C PRO B 171 -6.18 -10.49 27.66
N LEU B 172 -6.04 -9.73 28.73
CA LEU B 172 -5.83 -8.30 28.65
C LEU B 172 -4.55 -7.95 27.88
N ASP B 173 -3.43 -8.55 28.23
CA ASP B 173 -2.14 -8.21 27.58
C ASP B 173 -2.21 -8.39 26.07
N ALA B 174 -2.78 -9.49 25.61
CA ALA B 174 -2.92 -9.76 24.18
C ALA B 174 -3.89 -8.77 23.54
N LEU B 175 -4.97 -8.45 24.24
CA LEU B 175 -5.93 -7.46 23.78
C LEU B 175 -5.30 -6.06 23.66
N GLU B 176 -4.53 -5.66 24.64
CA GLU B 176 -3.76 -4.43 24.57
C GLU B 176 -2.88 -4.45 23.32
N ARG B 177 -2.26 -5.60 23.06
CA ARG B 177 -1.38 -5.71 21.92
C ARG B 177 -2.13 -5.49 20.61
N ILE B 178 -3.34 -6.04 20.49
CA ILE B 178 -4.15 -5.88 19.29
C ILE B 178 -4.44 -4.41 19.02
N HIS B 179 -4.94 -3.72 20.04
CA HIS B 179 -5.42 -2.34 19.90
C HIS B 179 -4.29 -1.35 19.65
N ARG B 180 -3.18 -1.54 20.34
CA ARG B 180 -2.01 -0.67 20.18
C ARG B 180 -1.49 -0.70 18.73
N HIS B 181 -1.54 -1.88 18.12
CA HIS B 181 -1.11 -2.09 16.75
C HIS B 181 -2.17 -1.65 15.76
N LYS B 182 -3.39 -2.12 15.92
CA LYS B 182 -4.42 -1.91 14.90
C LYS B 182 -4.95 -0.48 14.90
N THR B 183 -4.83 0.19 16.05
CA THR B 183 -5.31 1.57 16.20
C THR B 183 -4.22 2.52 16.68
N GLY B 184 -3.49 2.08 17.69
CA GLY B 184 -2.51 2.93 18.33
C GLY B 184 -1.45 3.40 17.39
N ALA B 185 -0.98 2.52 16.51
CA ALA B 185 0.18 2.82 15.67
C ALA B 185 -0.08 3.97 14.72
N LEU B 186 -1.25 4.01 14.12
CA LEU B 186 -1.53 5.02 13.11
C LEU B 186 -1.76 6.37 13.77
N ILE B 187 -2.27 6.33 15.01
CA ILE B 187 -2.49 7.56 15.76
C ILE B 187 -1.15 8.14 16.21
N ARG B 188 -0.22 7.28 16.57
CA ARG B 188 1.13 7.73 16.87
C ARG B 188 1.83 8.21 15.60
N ALA B 189 1.49 7.66 14.44
CA ALA B 189 2.08 8.17 13.20
C ALA B 189 1.57 9.59 12.90
N ALA B 190 0.31 9.87 13.20
CA ALA B 190 -0.24 11.19 12.98
C ALA B 190 0.56 12.22 13.77
N VAL B 191 0.66 12.02 15.07
CA VAL B 191 1.43 12.90 15.94
C VAL B 191 2.87 13.01 15.45
N ARG B 192 3.48 11.88 15.13
CA ARG B 192 4.88 11.85 14.70
C ARG B 192 5.09 12.60 13.38
N LEU B 193 4.16 12.47 12.44
CA LEU B 193 4.24 13.20 11.18
C LEU B 193 4.17 14.71 11.38
N GLY B 194 3.29 15.15 12.29
CA GLY B 194 3.23 16.54 12.70
C GLY B 194 4.55 17.04 13.22
N ALA B 195 5.16 16.30 14.15
CA ALA B 195 6.43 16.72 14.76
C ALA B 195 7.60 16.63 13.77
N LEU B 196 7.54 15.64 12.89
CA LEU B 196 8.63 15.41 11.93
C LEU B 196 8.69 16.51 10.88
N SER B 197 7.60 17.27 10.75
CA SER B 197 7.53 18.43 9.86
C SER B 197 8.32 19.64 10.41
N ALA B 198 8.79 19.54 11.66
CA ALA B 198 9.28 20.68 12.41
C ALA B 198 10.74 20.55 12.84
N GLY B 199 11.55 19.87 12.02
CA GLY B 199 12.99 19.82 12.22
C GLY B 199 13.37 19.46 13.64
N ASP B 200 14.39 20.15 14.17
CA ASP B 200 14.97 19.85 15.48
C ASP B 200 14.00 19.94 16.64
N LYS B 201 13.20 21.00 16.70
CA LYS B 201 12.33 21.18 17.86
C LYS B 201 11.24 20.10 17.88
N GLY B 202 10.71 19.75 16.71
CA GLY B 202 9.78 18.65 16.59
C GLY B 202 10.34 17.33 17.09
N ARG B 203 11.57 17.01 16.69
CA ARG B 203 12.20 15.76 17.10
C ARG B 203 12.57 15.76 18.59
N ARG B 204 12.85 16.94 19.16
CA ARG B 204 13.16 17.07 20.59
C ARG B 204 11.92 16.74 21.43
N ALA B 205 10.74 16.94 20.85
CA ALA B 205 9.48 16.66 21.55
C ALA B 205 9.00 15.23 21.36
N LEU B 206 9.66 14.44 20.53
CA LEU B 206 9.14 13.13 20.14
C LEU B 206 8.99 12.14 21.30
N PRO B 207 9.98 12.01 22.18
CA PRO B 207 9.86 11.07 23.30
C PRO B 207 8.58 11.26 24.12
N VAL B 208 8.24 12.51 24.35
CA VAL B 208 7.07 12.86 25.14
C VAL B 208 5.80 12.80 24.30
N LEU B 209 5.84 13.35 23.09
CA LEU B 209 4.70 13.23 22.17
C LEU B 209 4.36 11.78 21.89
N ASP B 210 5.37 10.92 21.89
CA ASP B 210 5.23 9.48 21.78
C ASP B 210 4.39 8.91 22.92
N LYS B 211 4.69 9.28 24.15
CA LYS B 211 3.94 8.80 25.30
C LYS B 211 2.49 9.24 25.17
N TYR B 212 2.32 10.54 24.89
CA TYR B 212 1.00 11.11 24.62
C TYR B 212 0.24 10.30 23.59
N ALA B 213 0.89 9.99 22.47
CA ALA B 213 0.24 9.29 21.36
C ALA B 213 -0.13 7.84 21.68
N GLU B 214 0.76 7.13 22.36
CA GLU B 214 0.50 5.75 22.76
C GLU B 214 -0.71 5.65 23.69
N SER B 215 -0.96 6.68 24.50
CA SER B 215 -2.04 6.64 25.47
C SER B 215 -3.37 6.97 24.82
N ILE B 216 -3.42 8.04 24.04
CA ILE B 216 -4.65 8.38 23.33
C ILE B 216 -4.97 7.34 22.26
N GLY B 217 -3.94 6.73 21.68
CA GLY B 217 -4.17 5.73 20.65
C GLY B 217 -4.88 4.51 21.21
N LEU B 218 -4.48 4.07 22.38
CA LEU B 218 -5.09 2.91 23.02
C LEU B 218 -6.48 3.28 23.53
N ALA B 219 -6.60 4.43 24.20
CA ALA B 219 -7.89 4.93 24.67
C ALA B 219 -8.88 5.05 23.55
N PHE B 220 -8.40 5.41 22.36
CA PHE B 220 -9.28 5.63 21.23
C PHE B 220 -9.95 4.35 20.83
N GLN B 221 -9.21 3.24 20.91
CA GLN B 221 -9.75 1.96 20.51
C GLN B 221 -10.62 1.35 21.58
N VAL B 222 -10.33 1.59 22.85
CA VAL B 222 -11.23 1.07 23.91
C VAL B 222 -12.52 1.86 23.90
N GLN B 223 -12.47 3.14 23.55
CA GLN B 223 -13.69 3.93 23.39
C GLN B 223 -14.47 3.44 22.18
N ASP B 224 -13.75 3.05 21.13
CA ASP B 224 -14.42 2.47 19.98
C ASP B 224 -15.14 1.17 20.35
N ASP B 225 -14.51 0.39 21.22
CA ASP B 225 -15.10 -0.86 21.70
C ASP B 225 -16.30 -0.58 22.58
N ILE B 226 -16.19 0.40 23.46
CA ILE B 226 -17.28 0.79 24.34
C ILE B 226 -18.48 1.32 23.55
N LEU B 227 -18.23 2.14 22.55
CA LEU B 227 -19.30 2.73 21.75
C LEU B 227 -19.97 1.68 20.87
N ASP B 228 -19.23 0.62 20.54
CA ASP B 228 -19.82 -0.48 19.81
C ASP B 228 -20.93 -1.13 20.64
N VAL B 229 -20.76 -1.16 21.95
CA VAL B 229 -21.71 -1.79 22.86
C VAL B 229 -22.90 -0.89 23.21
N VAL B 230 -22.63 0.37 23.54
CA VAL B 230 -23.62 1.24 24.14
C VAL B 230 -24.13 2.37 23.22
N GLY B 231 -23.60 2.44 22.00
CA GLY B 231 -23.89 3.53 21.09
C GLY B 231 -25.11 3.31 20.24
N ASP B 232 -25.65 4.38 19.67
CA ASP B 232 -26.77 4.26 18.76
C ASP B 232 -26.19 4.07 17.38
N THR B 233 -26.71 3.10 16.63
CA THR B 233 -26.37 2.95 15.22
C THR B 233 -26.49 4.29 14.50
N ALA B 234 -27.54 5.06 14.80
CA ALA B 234 -27.81 6.32 14.11
C ALA B 234 -26.80 7.42 14.42
N THR B 235 -26.20 7.38 15.61
CA THR B 235 -25.22 8.38 16.01
C THR B 235 -23.81 7.97 15.54
N LEU B 236 -23.48 6.70 15.73
CA LEU B 236 -22.19 6.13 15.35
C LEU B 236 -21.94 6.03 13.85
N GLY B 237 -23.01 5.89 13.06
CA GLY B 237 -22.90 5.64 11.63
C GLY B 237 -22.53 4.22 11.24
N LYS B 238 -22.51 3.33 12.23
CA LYS B 238 -22.16 1.92 12.03
C LYS B 238 -22.81 1.11 13.13
N ARG B 239 -22.90 -0.19 12.94
CA ARG B 239 -23.84 -1.02 13.70
C ARG B 239 -23.42 -1.24 15.15
N GLN B 240 -24.27 -0.81 16.08
CA GLN B 240 -24.18 -1.24 17.47
C GLN B 240 -24.20 -2.76 17.47
N GLY B 241 -23.30 -3.36 18.23
CA GLY B 241 -23.31 -4.78 18.47
C GLY B 241 -22.52 -5.58 17.47
N ALA B 242 -21.82 -4.92 16.55
CA ALA B 242 -21.04 -5.62 15.52
C ALA B 242 -19.95 -6.52 16.10
N ASP B 243 -19.30 -6.09 17.19
CA ASP B 243 -18.23 -6.87 17.85
C ASP B 243 -18.78 -8.13 18.53
N GLN B 244 -19.88 -7.97 19.28
CA GLN B 244 -20.55 -9.06 19.98
C GLN B 244 -20.98 -10.15 19.00
N GLN B 245 -21.54 -9.70 17.86
CA GLN B 245 -22.05 -10.56 16.78
C GLN B 245 -20.95 -11.43 16.13
N LEU B 246 -19.72 -10.92 16.05
CA LEU B 246 -18.59 -11.67 15.51
C LEU B 246 -17.69 -12.31 16.58
N GLY B 247 -17.94 -12.06 17.85
CA GLY B 247 -17.05 -12.54 18.90
C GLY B 247 -15.66 -11.90 18.84
N LYS B 248 -15.57 -10.66 18.41
CA LYS B 248 -14.33 -9.90 18.51
C LYS B 248 -13.93 -9.82 19.99
N SER B 249 -12.62 -9.92 20.24
CA SER B 249 -12.06 -9.64 21.56
C SER B 249 -11.98 -8.13 21.73
N THR B 250 -12.54 -7.64 22.84
CA THR B 250 -12.68 -6.21 23.11
C THR B 250 -12.50 -5.90 24.58
N TYR B 251 -12.31 -4.62 24.91
CA TYR B 251 -12.20 -4.21 26.31
C TYR B 251 -13.47 -4.41 27.13
N PRO B 252 -14.64 -4.01 26.62
CA PRO B 252 -15.91 -4.28 27.31
C PRO B 252 -16.31 -5.76 27.42
N ALA B 253 -16.02 -6.56 26.40
CA ALA B 253 -16.35 -7.99 26.44
C ALA B 253 -15.55 -8.68 27.54
N LEU B 254 -14.26 -8.36 27.66
CA LEU B 254 -13.39 -8.91 28.69
C LEU B 254 -13.60 -8.31 30.10
N LEU B 255 -13.57 -6.99 30.19
CA LEU B 255 -13.50 -6.28 31.47
C LEU B 255 -14.83 -5.75 31.91
N GLY B 256 -15.83 -5.82 31.03
CA GLY B 256 -17.10 -5.17 31.25
C GLY B 256 -16.99 -3.69 30.98
N LEU B 257 -18.13 -3.01 30.97
CA LEU B 257 -18.22 -1.61 30.58
C LEU B 257 -17.54 -0.65 31.54
N GLU B 258 -17.85 -0.76 32.84
CA GLU B 258 -17.35 0.19 33.86
C GLU B 258 -15.83 0.19 33.90
N GLN B 259 -15.24 -1.00 34.07
CA GLN B 259 -13.78 -1.17 34.07
C GLN B 259 -13.11 -0.69 32.79
N ALA B 260 -13.79 -0.85 31.66
CA ALA B 260 -13.28 -0.42 30.35
C ALA B 260 -13.29 1.10 30.21
N ARG B 261 -14.34 1.74 30.72
CA ARG B 261 -14.37 3.19 30.80
C ARG B 261 -13.25 3.71 31.73
N LYS B 262 -12.97 2.95 32.79
CA LYS B 262 -11.99 3.36 33.79
C LYS B 262 -10.61 3.33 33.17
N LYS B 263 -10.32 2.28 32.41
CA LYS B 263 -9.08 2.17 31.71
C LYS B 263 -8.91 3.32 30.71
N ALA B 264 -9.96 3.65 29.96
CA ALA B 264 -9.85 4.73 28.98
C ALA B 264 -9.54 6.04 29.67
N ARG B 265 -10.12 6.23 30.85
CA ARG B 265 -9.87 7.45 31.59
C ARG B 265 -8.44 7.49 32.15
N ASP B 266 -7.92 6.33 32.54
CA ASP B 266 -6.56 6.25 33.05
C ASP B 266 -5.56 6.65 31.95
N LEU B 267 -5.86 6.25 30.72
CA LEU B 267 -4.99 6.52 29.60
C LEU B 267 -4.98 8.01 29.24
N ILE B 268 -6.11 8.69 29.42
CA ILE B 268 -6.21 10.11 29.14
C ILE B 268 -5.58 10.94 30.25
N ASP B 269 -5.66 10.45 31.49
CA ASP B 269 -4.96 11.06 32.62
C ASP B 269 -3.46 11.04 32.36
N ASP B 270 -2.99 9.90 31.85
CA ASP B 270 -1.59 9.71 31.54
C ASP B 270 -1.20 10.58 30.35
N ALA B 271 -2.06 10.62 29.34
CA ALA B 271 -1.87 11.48 28.17
C ALA B 271 -1.71 12.94 28.61
N ARG B 272 -2.54 13.37 29.55
CA ARG B 272 -2.46 14.72 30.12
C ARG B 272 -1.16 14.98 30.86
N GLN B 273 -0.60 13.96 31.52
CA GLN B 273 0.71 14.09 32.18
C GLN B 273 1.81 14.36 31.18
N SER B 274 1.74 13.69 30.03
CA SER B 274 2.75 13.84 28.97
C SER B 274 2.65 15.21 28.33
N LEU B 275 1.44 15.75 28.26
CA LEU B 275 1.23 17.10 27.73
C LEU B 275 1.76 18.15 28.70
N LYS B 276 1.71 17.82 29.98
CA LYS B 276 2.26 18.68 31.03
C LYS B 276 3.77 18.84 30.86
N GLN B 277 4.45 17.79 30.41
CA GLN B 277 5.90 17.87 30.15
C GLN B 277 6.23 18.72 28.93
N LEU B 278 5.30 18.82 27.96
CA LEU B 278 5.50 19.66 26.78
C LEU B 278 5.35 21.14 27.05
N ALA B 279 4.51 21.46 28.04
CA ALA B 279 4.30 22.82 28.53
C ALA B 279 5.31 23.01 29.65
N GLU B 280 6.56 23.18 29.21
CA GLU B 280 7.79 23.07 30.02
C GLU B 280 8.93 23.10 28.98
N GLN B 281 8.67 22.52 27.80
CA GLN B 281 9.37 22.87 26.56
C GLN B 281 8.70 24.08 25.86
N SER B 282 7.88 24.85 26.60
CA SER B 282 7.20 26.06 26.12
C SER B 282 6.08 25.89 25.04
N LEU B 283 5.61 24.67 24.82
CA LEU B 283 4.64 24.40 23.76
C LEU B 283 3.21 24.56 24.24
N ASP B 284 2.34 25.00 23.33
CA ASP B 284 0.92 25.24 23.62
C ASP B 284 0.13 23.96 23.32
N THR B 285 -0.15 23.20 24.37
CA THR B 285 -0.79 21.89 24.25
C THR B 285 -2.32 21.91 24.22
N SER B 286 -2.94 23.08 24.09
CA SER B 286 -4.39 23.20 24.29
C SER B 286 -5.26 22.35 23.35
N ALA B 287 -4.91 22.26 22.07
CA ALA B 287 -5.66 21.43 21.11
C ALA B 287 -5.47 19.93 21.35
N LEU B 288 -4.25 19.54 21.71
CA LEU B 288 -3.95 18.14 22.05
C LEU B 288 -4.64 17.68 23.34
N GLU B 289 -4.94 18.59 24.27
CA GLU B 289 -5.68 18.26 25.50
C GLU B 289 -7.17 18.13 25.21
N ALA B 290 -7.71 19.08 24.45
CA ALA B 290 -9.11 19.06 24.10
C ALA B 290 -9.47 17.78 23.32
N LEU B 291 -8.57 17.36 22.45
CA LEU B 291 -8.76 16.17 21.67
C LEU B 291 -8.68 14.92 22.54
N ALA B 292 -7.76 14.90 23.48
CA ALA B 292 -7.57 13.74 24.35
C ALA B 292 -8.84 13.48 25.18
N ASP B 293 -9.42 14.55 25.71
CA ASP B 293 -10.70 14.44 26.41
C ASP B 293 -11.75 13.95 25.43
N TYR B 294 -11.76 14.52 24.23
CA TYR B 294 -12.79 14.24 23.25
C TYR B 294 -12.79 12.77 22.85
N ILE B 295 -11.62 12.17 22.87
CA ILE B 295 -11.48 10.78 22.48
C ILE B 295 -12.33 9.84 23.34
N ILE B 296 -12.43 10.12 24.64
CA ILE B 296 -13.22 9.26 25.54
C ILE B 296 -14.59 9.82 25.94
N GLN B 297 -14.88 11.06 25.54
CA GLN B 297 -16.18 11.69 25.80
C GLN B 297 -17.09 11.60 24.58
N ARG B 298 -16.53 11.40 23.39
CA ARG B 298 -17.32 11.39 22.15
C ARG B 298 -18.36 10.25 22.12
N ASN B 299 -19.43 10.47 21.36
CA ASN B 299 -20.48 9.44 21.21
C ASN B 299 -20.55 8.92 19.78
N LYS B 300 -19.52 9.24 19.00
CA LYS B 300 -19.38 8.83 17.61
C LYS B 300 -17.89 8.75 17.28
#